data_6B7F
#
_entry.id   6B7F
#
_cell.length_a   135.780
_cell.length_b   135.780
_cell.length_c   135.780
_cell.angle_alpha   90.000
_cell.angle_beta   90.000
_cell.angle_gamma   90.000
#
_symmetry.space_group_name_H-M   'I 2 3'
#
loop_
_entity.id
_entity.type
_entity.pdbx_description
1 polymer 'Phosphopantetheine adenylyltransferase'
2 non-polymer 'DIMETHYL SULFOXIDE'
3 non-polymer 2-AMINO-2-HYDROXYMETHYL-PROPANE-1,3-DIOL
4 non-polymer 'SULFATE ION'
5 non-polymer 'PYROPHOSPHATE 2-'
6 non-polymer 'POTASSIUM ION'
7 non-polymer (4R)-4-(5-ethenyl-1H-imidazol-1-yl)-3,3-dimethyl-3,4-dihydro-1H-2-benzopyran-1-one
8 water water
#
_entity_poly.entity_id   1
_entity_poly.type   'polypeptide(L)'
_entity_poly.pdbx_seq_one_letter_code
;MQKRAIYPGTFDPITNGHIDIVTRATQMFDHVILAIAASPSKKPMFTLEERVALAQQATAHLGNVEVVGFSDLMANFARN
QHATVLIRGLRAVADFEYEMQLAHMNRHLMPELESVFLMPSKEWSFISSSLVKEVARHQGDVTHFLPENVHQALMAKLAV
DHHHHHH
;
_entity_poly.pdbx_strand_id   A,B
#
loop_
_chem_comp.id
_chem_comp.type
_chem_comp.name
_chem_comp.formula
CW4 non-polymer (4R)-4-(5-ethenyl-1H-imidazol-1-yl)-3,3-dimethyl-3,4-dihydro-1H-2-benzopyran-1-one 'C16 H16 N2 O2'
DMS non-polymer 'DIMETHYL SULFOXIDE' 'C2 H6 O S'
K non-polymer 'POTASSIUM ION' 'K 1'
POP non-polymer 'PYROPHOSPHATE 2-' 'H2 O7 P2 -2'
SO4 non-polymer 'SULFATE ION' 'O4 S -2'
TRS non-polymer 2-AMINO-2-HYDROXYMETHYL-PROPANE-1,3-DIOL 'C4 H12 N O3 1'
#
# COMPACT_ATOMS: atom_id res chain seq x y z
N GLN A 2 -17.68 -0.83 -7.59
CA GLN A 2 -18.36 -0.76 -6.29
C GLN A 2 -17.41 -0.33 -5.18
N LYS A 3 -16.12 -0.46 -5.43
CA LYS A 3 -15.09 -0.09 -4.46
C LYS A 3 -14.73 1.38 -4.65
N ARG A 4 -14.86 2.16 -3.59
CA ARG A 4 -14.69 3.60 -3.66
C ARG A 4 -13.42 3.93 -2.87
N ALA A 5 -12.47 4.57 -3.55
CA ALA A 5 -11.17 4.87 -2.96
C ALA A 5 -10.92 6.37 -2.97
N ILE A 6 -10.38 6.87 -1.88
CA ILE A 6 -10.04 8.28 -1.75
C ILE A 6 -8.52 8.40 -1.69
N TYR A 7 -7.98 9.35 -2.46
CA TYR A 7 -6.57 9.70 -2.45
C TYR A 7 -6.50 11.14 -1.96
N PRO A 8 -6.27 11.36 -0.67
CA PRO A 8 -6.27 12.73 -0.14
C PRO A 8 -4.88 13.32 -0.08
N GLY A 9 -4.85 14.65 -0.06
CA GLY A 9 -3.59 15.35 0.02
C GLY A 9 -3.78 16.83 -0.17
N THR A 10 -2.67 17.56 -0.02
CA THR A 10 -2.69 18.99 -0.21
C THR A 10 -2.61 19.37 -1.69
N PHE A 11 -1.89 18.60 -2.49
CA PHE A 11 -1.72 18.84 -3.92
C PHE A 11 -1.45 20.32 -4.20
N ASP A 12 -0.32 20.80 -3.65
CA ASP A 12 0.01 22.22 -3.70
C ASP A 12 1.34 22.47 -4.42
N PRO A 13 1.37 22.34 -5.76
CA PRO A 13 0.34 21.88 -6.68
C PRO A 13 0.43 20.37 -6.94
N ILE A 14 -0.49 19.81 -7.73
CA ILE A 14 -0.40 18.41 -8.10
C ILE A 14 0.83 18.22 -8.98
N THR A 15 1.55 17.12 -8.78
CA THR A 15 2.77 16.82 -9.53
C THR A 15 2.58 15.54 -10.34
N ASN A 16 3.60 15.22 -11.13
CA ASN A 16 3.57 13.99 -11.91
C ASN A 16 3.65 12.77 -11.02
N GLY A 17 4.24 12.92 -9.82
CA GLY A 17 4.16 11.85 -8.84
C GLY A 17 2.74 11.59 -8.40
N HIS A 18 1.98 12.66 -8.16
CA HIS A 18 0.58 12.50 -7.79
C HIS A 18 -0.22 11.89 -8.92
N ILE A 19 0.07 12.27 -10.16
CA ILE A 19 -0.62 11.70 -11.32
C ILE A 19 -0.29 10.22 -11.43
N ASP A 20 0.98 9.88 -11.23
CA ASP A 20 1.39 8.48 -11.21
C ASP A 20 0.53 7.69 -10.24
N ILE A 21 0.36 8.22 -9.01
CA ILE A 21 -0.38 7.48 -7.99
C ILE A 21 -1.87 7.34 -8.32
N VAL A 22 -2.56 8.43 -8.71
CA VAL A 22 -3.98 8.26 -9.04
C VAL A 22 -4.17 7.35 -10.22
N THR A 23 -3.26 7.38 -11.18
CA THR A 23 -3.42 6.55 -12.37
C THR A 23 -3.32 5.08 -12.01
N ARG A 24 -2.41 4.73 -11.11
CA ARG A 24 -2.32 3.36 -10.63
C ARG A 24 -3.54 3.02 -9.78
N ALA A 25 -4.06 3.98 -9.03
CA ALA A 25 -5.25 3.72 -8.23
C ALA A 25 -6.48 3.55 -9.11
N THR A 26 -6.53 4.19 -10.28
CA THR A 26 -7.70 4.00 -11.15
C THR A 26 -7.69 2.61 -11.78
N GLN A 27 -6.53 1.97 -11.87
CA GLN A 27 -6.44 0.63 -12.41
C GLN A 27 -6.81 -0.45 -11.41
N MET A 28 -7.01 -0.09 -10.15
CA MET A 28 -7.33 -1.03 -9.09
C MET A 28 -8.73 -0.87 -8.53
N PHE A 29 -9.26 0.33 -8.50
CA PHE A 29 -10.53 0.59 -7.86
C PHE A 29 -11.49 1.22 -8.87
N ASP A 30 -12.77 1.01 -8.61
CA ASP A 30 -13.80 1.41 -9.55
C ASP A 30 -13.92 2.92 -9.63
N HIS A 31 -13.89 3.59 -8.48
CA HIS A 31 -13.98 5.04 -8.47
C HIS A 31 -12.93 5.58 -7.50
N VAL A 32 -12.13 6.55 -7.97
CA VAL A 32 -11.09 7.17 -7.16
C VAL A 32 -11.46 8.63 -6.96
N ILE A 33 -11.45 9.07 -5.71
CA ILE A 33 -11.73 10.45 -5.33
C ILE A 33 -10.41 11.09 -4.96
N LEU A 34 -9.94 12.02 -5.80
CA LEU A 34 -8.77 12.81 -5.47
C LEU A 34 -9.27 13.93 -4.58
N ALA A 35 -9.00 13.84 -3.30
CA ALA A 35 -9.57 14.77 -2.32
C ALA A 35 -8.50 15.80 -1.99
N ILE A 36 -8.79 17.06 -2.27
CA ILE A 36 -7.82 18.11 -2.06
C ILE A 36 -8.17 18.77 -0.73
N ALA A 37 -7.28 18.61 0.24
CA ALA A 37 -7.53 19.19 1.55
C ALA A 37 -7.10 20.64 1.52
N ALA A 38 -7.92 21.50 2.13
CA ALA A 38 -7.59 22.93 2.15
C ALA A 38 -6.26 23.16 2.85
N SER A 39 -5.97 22.34 3.87
CA SER A 39 -4.76 22.35 4.67
C SER A 39 -4.37 23.78 4.99
N PRO A 40 -5.30 24.60 5.57
CA PRO A 40 -4.97 26.02 5.79
C PRO A 40 -3.79 26.14 6.74
N SER A 41 -3.52 25.03 7.42
CA SER A 41 -2.40 24.98 8.33
C SER A 41 -1.06 25.11 7.58
N LYS A 42 -1.01 24.66 6.34
CA LYS A 42 0.22 24.60 5.53
C LYS A 42 0.50 25.89 4.76
N LYS A 43 -0.40 26.87 4.81
CA LYS A 43 -0.26 28.13 4.08
C LYS A 43 0.04 27.86 2.59
N PRO A 44 -0.91 27.26 1.86
CA PRO A 44 -0.59 26.78 0.50
C PRO A 44 -0.32 27.90 -0.50
N MET A 45 0.54 27.58 -1.48
CA MET A 45 0.84 28.53 -2.55
CA MET A 45 0.82 28.54 -2.53
C MET A 45 -0.39 28.80 -3.41
N PHE A 46 -1.15 27.76 -3.74
CA PHE A 46 -2.36 27.91 -4.54
C PHE A 46 -3.62 27.82 -3.67
N THR A 47 -4.66 28.53 -4.10
CA THR A 47 -5.93 28.43 -3.40
C THR A 47 -6.57 27.06 -3.66
N LEU A 48 -7.51 26.71 -2.79
CA LEU A 48 -8.17 25.41 -2.91
C LEU A 48 -8.88 25.25 -4.26
N GLU A 49 -9.49 26.32 -4.76
CA GLU A 49 -10.14 26.26 -6.07
C GLU A 49 -9.11 26.15 -7.19
N GLU A 50 -7.96 26.79 -7.01
CA GLU A 50 -6.90 26.67 -8.00
C GLU A 50 -6.38 25.24 -8.03
N ARG A 51 -6.15 24.66 -6.86
CA ARG A 51 -5.67 23.28 -6.78
C ARG A 51 -6.69 22.29 -7.34
N VAL A 52 -7.97 22.48 -7.03
CA VAL A 52 -9.01 21.67 -7.65
C VAL A 52 -9.01 21.83 -9.16
N ALA A 53 -8.95 23.07 -9.65
CA ALA A 53 -8.98 23.29 -11.09
C ALA A 53 -7.76 22.67 -11.77
N LEU A 54 -6.56 22.89 -11.21
CA LEU A 54 -5.36 22.29 -11.79
C LEU A 54 -5.45 20.77 -11.77
N ALA A 55 -5.97 20.21 -10.67
CA ALA A 55 -6.07 18.76 -10.54
C ALA A 55 -7.13 18.18 -11.47
N GLN A 56 -8.25 18.89 -11.65
CA GLN A 56 -9.29 18.42 -12.56
C GLN A 56 -8.77 18.28 -13.98
N GLN A 57 -8.12 19.32 -14.51
CA GLN A 57 -7.69 19.23 -15.90
C GLN A 57 -6.55 18.23 -16.06
N ALA A 58 -5.68 18.12 -15.06
CA ALA A 58 -4.56 17.19 -15.17
C ALA A 58 -4.99 15.72 -15.03
N THR A 59 -6.16 15.45 -14.44
CA THR A 59 -6.70 14.10 -14.34
C THR A 59 -7.86 13.86 -15.30
N ALA A 60 -8.19 14.84 -16.16
CA ALA A 60 -9.43 14.78 -16.93
C ALA A 60 -9.49 13.56 -17.84
N HIS A 61 -8.33 13.07 -18.30
CA HIS A 61 -8.24 11.88 -19.13
C HIS A 61 -8.49 10.59 -18.36
N LEU A 62 -8.74 10.66 -17.07
CA LEU A 62 -8.98 9.49 -16.24
C LEU A 62 -10.47 9.45 -15.94
N GLY A 63 -11.15 8.41 -16.45
CA GLY A 63 -12.60 8.41 -16.46
C GLY A 63 -13.22 8.30 -15.08
N ASN A 64 -12.57 7.61 -14.17
CA ASN A 64 -13.14 7.30 -12.86
C ASN A 64 -12.48 8.10 -11.74
N VAL A 65 -11.91 9.26 -12.07
CA VAL A 65 -11.37 10.17 -11.06
C VAL A 65 -12.33 11.32 -10.86
N GLU A 66 -12.65 11.61 -9.61
CA GLU A 66 -13.48 12.75 -9.25
C GLU A 66 -12.62 13.63 -8.35
N VAL A 67 -12.35 14.85 -8.78
CA VAL A 67 -11.56 15.77 -7.96
C VAL A 67 -12.52 16.58 -7.11
N VAL A 68 -12.29 16.55 -5.81
CA VAL A 68 -13.17 17.12 -4.81
C VAL A 68 -12.30 17.79 -3.75
N GLY A 69 -12.75 18.93 -3.26
CA GLY A 69 -12.14 19.57 -2.14
C GLY A 69 -12.83 19.19 -0.86
N PHE A 70 -12.11 19.35 0.25
CA PHE A 70 -12.71 19.07 1.55
C PHE A 70 -11.92 19.81 2.62
N SER A 71 -12.65 20.24 3.64
CA SER A 71 -12.05 20.88 4.79
C SER A 71 -12.32 20.11 6.07
N ASP A 72 -13.02 18.98 5.99
CA ASP A 72 -13.30 18.20 7.17
C ASP A 72 -12.05 17.42 7.57
N LEU A 73 -12.16 16.71 8.67
CA LEU A 73 -11.12 15.75 9.00
C LEU A 73 -11.20 14.63 8.00
N MET A 74 -10.04 14.18 7.51
CA MET A 74 -10.01 13.33 6.32
C MET A 74 -10.86 12.08 6.54
N ALA A 75 -10.82 11.52 7.74
CA ALA A 75 -11.66 10.37 8.06
C ALA A 75 -13.15 10.74 8.01
N ASN A 76 -13.50 11.94 8.47
CA ASN A 76 -14.88 12.38 8.44
C ASN A 76 -15.38 12.49 7.01
N PHE A 77 -14.50 12.95 6.11
CA PHE A 77 -14.86 13.06 4.69
C PHE A 77 -14.98 11.70 4.03
N ALA A 78 -14.07 10.77 4.33
CA ALA A 78 -14.13 9.45 3.73
C ALA A 78 -15.39 8.71 4.15
N ARG A 79 -15.82 8.92 5.40
CA ARG A 79 -17.05 8.30 5.89
C ARG A 79 -18.24 8.80 5.08
N ASN A 80 -18.33 10.12 4.90
CA ASN A 80 -19.43 10.72 4.16
C ASN A 80 -19.40 10.40 2.67
N GLN A 81 -18.26 10.00 2.13
CA GLN A 81 -18.15 9.65 0.72
C GLN A 81 -18.32 8.16 0.47
N HIS A 82 -18.60 7.38 1.53
CA HIS A 82 -18.74 5.93 1.45
C HIS A 82 -17.51 5.28 0.82
N ALA A 83 -16.35 5.81 1.20
CA ALA A 83 -15.08 5.27 0.75
C ALA A 83 -14.59 4.28 1.79
N THR A 84 -14.07 3.16 1.31
CA THR A 84 -13.53 2.13 2.18
CA THR A 84 -13.54 2.12 2.15
C THR A 84 -12.04 1.93 1.99
N VAL A 85 -11.43 2.50 0.94
CA VAL A 85 -10.00 2.42 0.67
C VAL A 85 -9.40 3.82 0.73
N LEU A 86 -8.29 3.95 1.45
CA LEU A 86 -7.57 5.21 1.60
C LEU A 86 -6.20 5.07 0.95
N ILE A 87 -5.96 5.84 -0.12
CA ILE A 87 -4.76 5.70 -0.94
C ILE A 87 -3.69 6.65 -0.43
N ARG A 88 -2.48 6.13 -0.24
CA ARG A 88 -1.34 6.95 0.12
C ARG A 88 -0.17 6.52 -0.75
N GLY A 89 0.63 7.50 -1.19
CA GLY A 89 1.81 7.22 -2.00
C GLY A 89 3.01 7.12 -1.07
N LEU A 90 3.85 6.13 -1.32
CA LEU A 90 5.02 5.88 -0.49
C LEU A 90 6.28 6.27 -1.24
N ARG A 91 7.03 7.21 -0.67
CA ARG A 91 8.23 7.70 -1.35
C ARG A 91 9.50 7.11 -0.77
N ALA A 92 9.83 7.52 0.45
CA ALA A 92 11.05 7.14 1.15
C ALA A 92 10.69 6.73 2.57
N VAL A 93 11.70 6.29 3.34
CA VAL A 93 11.51 5.83 4.71
C VAL A 93 11.00 6.92 5.65
N ALA A 94 11.31 8.21 5.41
CA ALA A 94 10.81 9.23 6.32
C ALA A 94 9.32 9.47 6.11
N ASP A 95 8.83 9.25 4.89
CA ASP A 95 7.38 9.27 4.63
C ASP A 95 6.72 8.11 5.36
N PHE A 96 7.35 6.96 5.26
CA PHE A 96 6.83 5.73 5.85
C PHE A 96 6.49 5.91 7.33
N GLU A 97 7.42 6.45 8.11
CA GLU A 97 7.18 6.55 9.55
C GLU A 97 6.01 7.48 9.86
N TYR A 98 5.84 8.56 9.11
CA TYR A 98 4.70 9.42 9.36
C TYR A 98 3.42 8.80 8.85
N GLU A 99 3.49 8.14 7.69
CA GLU A 99 2.33 7.45 7.13
C GLU A 99 1.80 6.38 8.08
N MET A 100 2.70 5.71 8.81
CA MET A 100 2.27 4.65 9.70
CA MET A 100 2.29 4.66 9.73
C MET A 100 1.50 5.22 10.89
N GLN A 101 2.00 6.31 11.50
CA GLN A 101 1.25 6.95 12.58
C GLN A 101 -0.09 7.43 12.06
N LEU A 102 -0.06 8.06 10.88
CA LEU A 102 -1.28 8.59 10.28
CA LEU A 102 -1.27 8.59 10.28
C LEU A 102 -2.31 7.50 10.05
N ALA A 103 -1.87 6.37 9.48
CA ALA A 103 -2.80 5.29 9.15
C ALA A 103 -3.37 4.63 10.41
N HIS A 104 -2.56 4.48 11.46
CA HIS A 104 -3.09 3.95 12.70
C HIS A 104 -4.11 4.89 13.30
N MET A 105 -3.90 6.20 13.16
CA MET A 105 -4.88 7.18 13.64
C MET A 105 -6.18 7.05 12.86
N ASN A 106 -6.08 6.95 11.54
CA ASN A 106 -7.28 6.83 10.73
C ASN A 106 -8.02 5.52 10.99
N ARG A 107 -7.30 4.46 11.35
CA ARG A 107 -7.94 3.20 11.68
C ARG A 107 -8.71 3.31 12.98
N HIS A 108 -8.11 3.98 13.97
CA HIS A 108 -8.83 4.30 15.22
C HIS A 108 -10.09 5.11 14.93
N LEU A 109 -10.00 6.10 14.05
CA LEU A 109 -11.14 6.97 13.79
C LEU A 109 -12.16 6.33 12.87
N MET A 110 -11.73 5.45 11.95
CA MET A 110 -12.64 4.81 11.02
C MET A 110 -12.10 3.43 10.70
N PRO A 111 -12.43 2.43 11.52
CA PRO A 111 -11.89 1.08 11.30
C PRO A 111 -12.20 0.52 9.93
N GLU A 112 -13.36 0.85 9.37
CA GLU A 112 -13.73 0.28 8.09
C GLU A 112 -13.07 0.99 6.91
N LEU A 113 -12.27 2.00 7.16
CA LEU A 113 -11.48 2.64 6.12
C LEU A 113 -10.08 2.03 6.14
N GLU A 114 -9.71 1.35 5.06
CA GLU A 114 -8.43 0.64 5.00
C GLU A 114 -7.43 1.50 4.25
N SER A 115 -6.25 1.68 4.85
CA SER A 115 -5.19 2.47 4.23
C SER A 115 -4.35 1.56 3.33
N VAL A 116 -4.07 2.05 2.13
CA VAL A 116 -3.39 1.30 1.07
C VAL A 116 -2.25 2.17 0.56
N PHE A 117 -1.06 1.59 0.46
CA PHE A 117 0.13 2.31 0.05
C PHE A 117 0.56 1.84 -1.33
N LEU A 118 0.63 2.77 -2.26
CA LEU A 118 1.08 2.55 -3.62
C LEU A 118 2.49 3.13 -3.77
N MET A 119 3.21 2.60 -4.73
CA MET A 119 4.59 2.98 -4.89
C MET A 119 4.78 3.72 -6.20
N PRO A 120 5.36 4.92 -6.18
CA PRO A 120 5.49 5.67 -7.43
C PRO A 120 6.60 5.10 -8.28
N SER A 121 6.66 5.59 -9.51
CA SER A 121 7.74 5.21 -10.41
C SER A 121 9.06 5.73 -9.86
N LYS A 122 10.16 5.09 -10.27
CA LYS A 122 11.48 5.60 -9.91
C LYS A 122 11.63 7.05 -10.34
N GLU A 123 11.03 7.39 -11.50
CA GLU A 123 11.07 8.75 -12.03
C GLU A 123 10.68 9.79 -10.98
N TRP A 124 9.63 9.54 -10.21
CA TRP A 124 9.09 10.55 -9.30
C TRP A 124 9.35 10.23 -7.83
N SER A 125 10.25 9.31 -7.54
CA SER A 125 10.52 8.84 -6.18
CA SER A 125 10.44 8.89 -6.15
C SER A 125 11.36 9.81 -5.37
N PHE A 126 11.69 10.98 -5.89
CA PHE A 126 12.50 11.92 -5.14
C PHE A 126 11.98 13.35 -5.23
N ILE A 127 10.78 13.55 -5.73
CA ILE A 127 10.19 14.87 -5.82
C ILE A 127 9.05 14.98 -4.82
N SER A 128 8.72 16.22 -4.50
CA SER A 128 7.58 16.55 -3.67
C SER A 128 7.11 17.92 -4.10
N SER A 129 5.86 18.25 -3.75
CA SER A 129 5.37 19.59 -3.98
C SER A 129 6.30 20.61 -3.34
N SER A 130 6.78 20.32 -2.13
CA SER A 130 7.66 21.25 -1.43
C SER A 130 8.93 21.51 -2.21
N LEU A 131 9.64 20.46 -2.62
CA LEU A 131 10.92 20.64 -3.30
C LEU A 131 10.74 21.32 -4.64
N VAL A 132 9.73 20.90 -5.42
CA VAL A 132 9.50 21.52 -6.72
C VAL A 132 9.28 23.02 -6.57
N LYS A 133 8.45 23.41 -5.60
CA LYS A 133 8.18 24.83 -5.38
C LYS A 133 9.44 25.56 -5.00
N GLU A 134 10.26 24.93 -4.15
CA GLU A 134 11.49 25.55 -3.69
C GLU A 134 12.41 25.85 -4.87
N VAL A 135 12.54 24.88 -5.77
CA VAL A 135 13.39 25.03 -6.95
C VAL A 135 12.85 26.11 -7.87
N ALA A 136 11.53 26.18 -8.04
CA ALA A 136 10.93 27.18 -8.92
C ALA A 136 10.99 28.58 -8.31
N ARG A 137 10.94 28.70 -6.98
CA ARG A 137 11.07 30.02 -6.33
C ARG A 137 12.46 30.59 -6.56
N HIS A 138 13.45 29.72 -6.78
CA HIS A 138 14.83 30.10 -7.01
C HIS A 138 15.20 29.99 -8.49
N GLN A 139 14.22 30.08 -9.39
CA GLN A 139 14.48 30.15 -10.83
C GLN A 139 15.13 28.88 -11.39
N GLY A 140 14.78 27.73 -10.82
CA GLY A 140 15.19 26.43 -11.35
C GLY A 140 14.12 25.82 -12.24
N ASP A 141 14.56 24.99 -13.19
CA ASP A 141 13.70 24.29 -14.14
C ASP A 141 12.94 23.13 -13.49
N VAL A 142 11.61 23.23 -13.39
CA VAL A 142 10.77 22.18 -12.84
C VAL A 142 9.80 21.62 -13.85
N THR A 143 9.96 21.96 -15.13
CA THR A 143 9.05 21.51 -16.18
C THR A 143 8.85 20.00 -16.19
N HIS A 144 9.90 19.24 -15.93
CA HIS A 144 9.83 17.79 -16.00
C HIS A 144 8.93 17.16 -14.94
N PHE A 145 8.64 17.85 -13.85
CA PHE A 145 7.93 17.26 -12.72
C PHE A 145 6.46 17.58 -12.69
N LEU A 146 5.97 18.39 -13.63
CA LEU A 146 4.62 18.89 -13.50
C LEU A 146 3.82 18.66 -14.76
N PRO A 147 2.50 18.53 -14.64
CA PRO A 147 1.64 18.60 -15.82
C PRO A 147 1.78 19.98 -16.46
N GLU A 148 1.61 20.02 -17.78
CA GLU A 148 1.78 21.27 -18.51
C GLU A 148 0.89 22.38 -17.95
N ASN A 149 -0.40 22.07 -17.70
CA ASN A 149 -1.30 23.09 -17.15
C ASN A 149 -0.83 23.60 -15.80
N VAL A 150 -0.16 22.75 -15.03
CA VAL A 150 0.33 23.13 -13.71
C VAL A 150 1.61 23.93 -13.82
N HIS A 151 2.46 23.64 -14.80
CA HIS A 151 3.68 24.39 -15.00
C HIS A 151 3.38 25.84 -15.39
N GLN A 152 2.36 26.06 -16.22
CA GLN A 152 1.95 27.42 -16.57
C GLN A 152 1.38 28.19 -15.39
N ALA A 153 0.60 27.54 -14.52
CA ALA A 153 0.06 28.24 -13.37
C ALA A 153 1.16 28.55 -12.38
N LEU A 154 2.16 27.66 -12.29
CA LEU A 154 3.29 27.87 -11.39
C LEU A 154 4.20 28.98 -11.92
N MET A 155 4.42 29.03 -13.24
CA MET A 155 5.20 30.10 -13.84
C MET A 155 4.49 31.43 -13.66
N ALA A 156 3.19 31.46 -13.95
CA ALA A 156 2.38 32.66 -13.85
C ALA A 156 2.33 33.18 -12.41
N LYS A 157 2.25 32.27 -11.43
CA LYS A 157 2.20 32.61 -10.02
C LYS A 157 3.51 33.20 -9.52
N LEU A 158 4.62 32.84 -10.13
CA LEU A 158 5.91 33.31 -9.66
C LEU A 158 6.33 34.61 -10.32
N ALA A 159 5.79 34.95 -11.49
CA ALA A 159 6.09 36.23 -12.12
C ALA A 159 5.72 37.42 -11.23
N VAL A 160 4.71 37.25 -10.38
CA VAL A 160 4.24 38.28 -9.45
C VAL A 160 4.36 37.80 -8.01
N LYS B 3 -11.58 -8.96 -9.74
CA LYS B 3 -10.37 -8.40 -9.16
C LYS B 3 -9.66 -9.42 -8.27
N ARG B 4 -8.46 -9.80 -8.72
CA ARG B 4 -7.70 -10.90 -8.18
C ARG B 4 -6.37 -10.39 -7.65
N ALA B 5 -6.07 -10.67 -6.37
CA ALA B 5 -4.84 -10.22 -5.76
C ALA B 5 -4.07 -11.43 -5.20
N ILE B 6 -2.75 -11.32 -5.19
CA ILE B 6 -1.86 -12.34 -4.62
C ILE B 6 -1.15 -11.77 -3.41
N TYR B 7 -1.14 -12.54 -2.33
CA TYR B 7 -0.37 -12.23 -1.14
C TYR B 7 0.73 -13.26 -1.07
N PRO B 8 1.94 -12.96 -1.56
CA PRO B 8 2.99 -13.98 -1.58
C PRO B 8 3.88 -13.86 -0.36
N GLY B 9 4.57 -14.94 -0.02
CA GLY B 9 5.46 -14.92 1.11
C GLY B 9 5.99 -16.31 1.38
N THR B 10 6.91 -16.37 2.34
CA THR B 10 7.50 -17.64 2.75
C THR B 10 6.59 -18.37 3.73
N PHE B 11 5.89 -17.62 4.58
CA PHE B 11 4.94 -18.14 5.58
C PHE B 11 5.53 -19.37 6.28
N ASP B 12 6.63 -19.16 6.98
CA ASP B 12 7.39 -20.24 7.61
C ASP B 12 7.49 -20.07 9.12
N PRO B 13 6.41 -20.30 9.88
CA PRO B 13 5.04 -20.58 9.43
C PRO B 13 4.21 -19.32 9.34
N ILE B 14 2.98 -19.43 8.85
CA ILE B 14 2.07 -18.29 8.80
C ILE B 14 1.75 -17.87 10.23
N THR B 15 1.69 -16.55 10.46
CA THR B 15 1.44 -15.99 11.80
C THR B 15 0.13 -15.21 11.81
N ASN B 16 -0.24 -14.71 12.99
CA ASN B 16 -1.44 -13.88 13.11
C ASN B 16 -1.27 -12.56 12.41
N GLY B 17 -0.01 -12.09 12.24
CA GLY B 17 0.22 -10.94 11.38
C GLY B 17 -0.14 -11.22 9.92
N HIS B 18 0.23 -12.42 9.43
CA HIS B 18 -0.16 -12.81 8.08
C HIS B 18 -1.66 -12.96 7.97
N ILE B 19 -2.29 -13.50 9.01
CA ILE B 19 -3.74 -13.62 8.98
C ILE B 19 -4.37 -12.24 8.94
N ASP B 20 -3.82 -11.32 9.73
CA ASP B 20 -4.29 -9.94 9.73
C ASP B 20 -4.27 -9.36 8.32
N ILE B 21 -3.13 -9.46 7.63
CA ILE B 21 -3.00 -8.86 6.31
C ILE B 21 -3.93 -9.53 5.30
N VAL B 22 -3.95 -10.86 5.27
CA VAL B 22 -4.78 -11.53 4.28
C VAL B 22 -6.26 -11.22 4.52
N THR B 23 -6.68 -11.04 5.77
CA THR B 23 -8.09 -10.73 6.05
C THR B 23 -8.45 -9.35 5.54
N ARG B 24 -7.54 -8.40 5.67
CA ARG B 24 -7.78 -7.07 5.14
C ARG B 24 -7.84 -7.09 3.63
N ALA B 25 -7.07 -7.97 3.01
CA ALA B 25 -7.08 -8.07 1.55
C ALA B 25 -8.39 -8.64 1.04
N THR B 26 -9.04 -9.51 1.81
CA THR B 26 -10.32 -10.08 1.38
C THR B 26 -11.47 -9.08 1.52
N GLN B 27 -11.35 -8.09 2.39
CA GLN B 27 -12.35 -7.03 2.48
C GLN B 27 -12.21 -6.00 1.38
N MET B 28 -11.13 -6.08 0.60
CA MET B 28 -10.76 -5.08 -0.38
C MET B 28 -10.74 -5.63 -1.80
N PHE B 29 -10.48 -6.93 -1.97
CA PHE B 29 -10.44 -7.58 -3.27
C PHE B 29 -11.33 -8.82 -3.27
N ASP B 30 -11.78 -9.20 -4.46
CA ASP B 30 -12.76 -10.29 -4.61
C ASP B 30 -12.15 -11.65 -4.30
N HIS B 31 -10.96 -11.94 -4.82
CA HIS B 31 -10.31 -13.21 -4.63
C HIS B 31 -8.86 -12.94 -4.27
N VAL B 32 -8.38 -13.56 -3.20
CA VAL B 32 -7.01 -13.40 -2.75
C VAL B 32 -6.34 -14.76 -2.80
N ILE B 33 -5.17 -14.82 -3.42
CA ILE B 33 -4.40 -16.03 -3.48
C ILE B 33 -3.26 -15.88 -2.48
N LEU B 34 -3.31 -16.62 -1.39
CA LEU B 34 -2.18 -16.67 -0.49
C LEU B 34 -1.18 -17.61 -1.13
N ALA B 35 -0.10 -17.05 -1.67
CA ALA B 35 0.86 -17.80 -2.47
C ALA B 35 2.10 -18.06 -1.62
N ILE B 36 2.45 -19.31 -1.41
CA ILE B 36 3.55 -19.65 -0.53
C ILE B 36 4.75 -19.96 -1.41
N ALA B 37 5.80 -19.16 -1.27
CA ALA B 37 7.00 -19.34 -2.08
C ALA B 37 7.82 -20.47 -1.46
N ALA B 38 8.37 -21.33 -2.33
CA ALA B 38 9.15 -22.46 -1.81
C ALA B 38 10.36 -21.95 -1.05
N SER B 39 10.98 -20.89 -1.54
CA SER B 39 12.10 -20.18 -0.90
C SER B 39 13.15 -21.14 -0.29
N PRO B 40 13.73 -22.01 -1.12
CA PRO B 40 14.69 -22.99 -0.53
C PRO B 40 16.00 -22.35 -0.11
N SER B 41 16.31 -21.14 -0.60
CA SER B 41 17.48 -20.37 -0.19
C SER B 41 17.38 -19.98 1.28
N LYS B 42 16.19 -19.92 1.83
CA LYS B 42 15.93 -19.54 3.22
C LYS B 42 16.01 -20.70 4.19
N LYS B 43 16.18 -21.94 3.70
CA LYS B 43 16.18 -23.14 4.50
C LYS B 43 14.96 -23.10 5.41
N PRO B 44 13.73 -23.10 4.89
CA PRO B 44 12.57 -22.95 5.79
C PRO B 44 12.44 -24.13 6.73
N MET B 45 11.90 -23.86 7.93
CA MET B 45 11.72 -24.93 8.90
C MET B 45 10.68 -25.94 8.44
N PHE B 46 9.59 -25.46 7.83
CA PHE B 46 8.52 -26.32 7.34
C PHE B 46 8.67 -26.50 5.83
N THR B 47 8.28 -27.68 5.35
CA THR B 47 8.27 -27.93 3.91
C THR B 47 7.15 -27.11 3.27
N LEU B 48 7.26 -26.92 1.96
CA LEU B 48 6.23 -26.18 1.26
C LEU B 48 4.87 -26.84 1.43
N GLU B 49 4.84 -28.17 1.42
CA GLU B 49 3.56 -28.85 1.63
C GLU B 49 3.07 -28.64 3.05
N GLU B 50 3.99 -28.59 4.00
CA GLU B 50 3.60 -28.31 5.38
C GLU B 50 3.04 -26.89 5.52
N ARG B 51 3.75 -25.92 4.95
CA ARG B 51 3.32 -24.53 5.01
C ARG B 51 1.98 -24.31 4.29
N VAL B 52 1.80 -24.94 3.11
CA VAL B 52 0.50 -24.82 2.43
C VAL B 52 -0.62 -25.42 3.28
N ALA B 53 -0.40 -26.60 3.89
CA ALA B 53 -1.42 -27.21 4.74
C ALA B 53 -1.73 -26.32 5.94
N LEU B 54 -0.70 -25.82 6.62
CA LEU B 54 -0.92 -24.96 7.78
C LEU B 54 -1.73 -23.73 7.41
N ALA B 55 -1.39 -23.09 6.28
CA ALA B 55 -2.08 -21.88 5.88
C ALA B 55 -3.52 -22.15 5.44
N GLN B 56 -3.75 -23.28 4.75
CA GLN B 56 -5.10 -23.64 4.33
C GLN B 56 -6.01 -23.76 5.54
N GLN B 57 -5.54 -24.51 6.55
CA GLN B 57 -6.32 -24.70 7.76
C GLN B 57 -6.49 -23.40 8.52
N ALA B 58 -5.44 -22.58 8.56
CA ALA B 58 -5.51 -21.33 9.31
C ALA B 58 -6.38 -20.29 8.61
N THR B 59 -6.70 -20.48 7.33
CA THR B 59 -7.48 -19.50 6.57
C THR B 59 -8.82 -20.05 6.11
N ALA B 60 -9.21 -21.23 6.57
CA ALA B 60 -10.39 -21.89 6.00
C ALA B 60 -11.66 -21.07 6.21
N HIS B 61 -11.75 -20.31 7.29
CA HIS B 61 -12.92 -19.50 7.61
C HIS B 61 -13.05 -18.28 6.72
N LEU B 62 -12.11 -18.06 5.82
CA LEU B 62 -12.12 -16.93 4.90
C LEU B 62 -12.48 -17.47 3.53
N GLY B 63 -13.66 -17.08 3.03
CA GLY B 63 -14.21 -17.76 1.88
C GLY B 63 -13.46 -17.53 0.59
N ASN B 64 -12.88 -16.34 0.41
CA ASN B 64 -12.30 -15.96 -0.87
C ASN B 64 -10.77 -15.95 -0.84
N VAL B 65 -10.16 -16.83 -0.04
CA VAL B 65 -8.72 -17.06 0.00
CA VAL B 65 -8.73 -17.03 -0.09
C VAL B 65 -8.45 -18.44 -0.58
N GLU B 66 -7.55 -18.52 -1.54
CA GLU B 66 -7.07 -19.76 -2.12
C GLU B 66 -5.59 -19.84 -1.79
N VAL B 67 -5.19 -20.89 -1.07
CA VAL B 67 -3.80 -21.07 -0.71
C VAL B 67 -3.12 -21.95 -1.75
N VAL B 68 -1.97 -21.50 -2.24
CA VAL B 68 -1.24 -22.16 -3.31
C VAL B 68 0.24 -22.05 -2.98
N GLY B 69 1.00 -23.13 -3.26
CA GLY B 69 2.45 -23.04 -3.23
C GLY B 69 3.00 -22.80 -4.62
N PHE B 70 4.22 -22.26 -4.68
CA PHE B 70 4.83 -21.99 -5.96
C PHE B 70 6.34 -21.83 -5.80
N SER B 71 7.07 -22.21 -6.83
CA SER B 71 8.51 -22.02 -6.90
C SER B 71 8.91 -21.17 -8.09
N ASP B 72 7.93 -20.62 -8.80
CA ASP B 72 8.17 -19.81 -9.99
C ASP B 72 8.72 -18.43 -9.65
N LEU B 73 9.00 -17.70 -10.72
CA LEU B 73 9.24 -16.28 -10.62
C LEU B 73 7.92 -15.63 -10.25
N MET B 74 7.95 -14.71 -9.29
CA MET B 74 6.72 -14.08 -8.80
C MET B 74 5.89 -13.51 -9.96
N ALA B 75 6.55 -12.78 -10.87
CA ALA B 75 5.81 -12.11 -11.94
C ALA B 75 5.11 -13.12 -12.83
N ASN B 76 5.77 -14.24 -13.14
CA ASN B 76 5.17 -15.29 -13.95
C ASN B 76 4.00 -15.91 -13.23
N PHE B 77 4.14 -16.15 -11.93
CA PHE B 77 3.06 -16.77 -11.18
C PHE B 77 1.87 -15.84 -11.07
N ALA B 78 2.12 -14.53 -10.92
CA ALA B 78 1.03 -13.57 -10.86
C ALA B 78 0.27 -13.50 -12.19
N ARG B 79 0.99 -13.55 -13.30
CA ARG B 79 0.33 -13.59 -14.60
C ARG B 79 -0.50 -14.86 -14.75
N ASN B 80 0.07 -16.01 -14.38
CA ASN B 80 -0.60 -17.28 -14.56
C ASN B 80 -1.84 -17.39 -13.69
N GLN B 81 -1.93 -16.60 -12.62
CA GLN B 81 -3.09 -16.57 -11.74
C GLN B 81 -4.02 -15.43 -12.11
N HIS B 82 -3.72 -14.70 -13.17
CA HIS B 82 -4.57 -13.61 -13.62
C HIS B 82 -4.75 -12.55 -12.55
N ALA B 83 -3.68 -12.32 -11.78
CA ALA B 83 -3.68 -11.28 -10.77
C ALA B 83 -3.02 -10.02 -11.33
N THR B 84 -3.57 -8.88 -10.94
CA THR B 84 -3.02 -7.58 -11.25
C THR B 84 -2.58 -6.84 -10.00
N VAL B 85 -2.79 -7.41 -8.82
CA VAL B 85 -2.46 -6.78 -7.55
C VAL B 85 -1.56 -7.73 -6.76
N LEU B 86 -0.46 -7.20 -6.25
CA LEU B 86 0.43 -7.93 -5.35
C LEU B 86 0.35 -7.29 -3.98
N ILE B 87 -0.02 -8.09 -2.96
CA ILE B 87 -0.18 -7.58 -1.60
C ILE B 87 1.02 -7.98 -0.77
N ARG B 88 1.55 -7.01 -0.04
CA ARG B 88 2.65 -7.20 0.90
C ARG B 88 2.30 -6.41 2.16
N GLY B 89 2.68 -6.97 3.31
CA GLY B 89 2.43 -6.31 4.57
C GLY B 89 3.67 -5.49 4.93
N LEU B 90 3.43 -4.31 5.46
CA LEU B 90 4.50 -3.39 5.81
C LEU B 90 4.62 -3.34 7.32
N ARG B 91 5.80 -3.74 7.82
CA ARG B 91 6.06 -3.75 9.25
C ARG B 91 6.99 -2.61 9.66
N ALA B 92 8.26 -2.67 9.24
CA ALA B 92 9.23 -1.69 9.71
C ALA B 92 10.05 -1.12 8.55
N VAL B 93 10.91 -0.15 8.90
CA VAL B 93 11.71 0.59 7.93
C VAL B 93 12.65 -0.33 7.15
N ALA B 94 13.14 -1.40 7.79
CA ALA B 94 14.07 -2.29 7.11
C ALA B 94 13.37 -3.21 6.13
N ASP B 95 12.11 -3.59 6.42
CA ASP B 95 11.32 -4.36 5.47
C ASP B 95 10.97 -3.48 4.29
N PHE B 96 10.58 -2.25 4.59
CA PHE B 96 10.16 -1.27 3.58
C PHE B 96 11.17 -1.11 2.44
N GLU B 97 12.44 -0.88 2.75
CA GLU B 97 13.40 -0.65 1.67
C GLU B 97 13.57 -1.89 0.79
N TYR B 98 13.50 -3.07 1.38
CA TYR B 98 13.59 -4.27 0.58
C TYR B 98 12.34 -4.47 -0.25
N GLU B 99 11.17 -4.17 0.32
CA GLU B 99 9.90 -4.26 -0.40
C GLU B 99 9.87 -3.34 -1.62
N MET B 100 10.61 -2.25 -1.58
CA MET B 100 10.68 -1.32 -2.70
C MET B 100 11.52 -1.90 -3.83
N GLN B 101 12.70 -2.43 -3.51
CA GLN B 101 13.51 -3.10 -4.53
C GLN B 101 12.69 -4.21 -5.17
N LEU B 102 11.98 -4.97 -4.34
CA LEU B 102 11.15 -6.05 -4.84
CA LEU B 102 11.13 -6.05 -4.83
C LEU B 102 10.08 -5.51 -5.80
N ALA B 103 9.28 -4.55 -5.35
CA ALA B 103 8.16 -4.08 -6.14
C ALA B 103 8.62 -3.47 -7.45
N HIS B 104 9.72 -2.72 -7.43
CA HIS B 104 10.28 -2.19 -8.66
C HIS B 104 10.78 -3.30 -9.57
N MET B 105 11.34 -4.36 -9.00
CA MET B 105 11.73 -5.51 -9.82
C MET B 105 10.52 -6.18 -10.43
N ASN B 106 9.48 -6.39 -9.62
CA ASN B 106 8.25 -6.99 -10.12
C ASN B 106 7.57 -6.08 -11.14
N ARG B 107 7.71 -4.76 -10.97
CA ARG B 107 7.13 -3.85 -11.96
C ARG B 107 7.87 -3.94 -13.28
N HIS B 108 9.21 -4.04 -13.22
CA HIS B 108 10.00 -4.27 -14.43
C HIS B 108 9.56 -5.53 -15.16
N LEU B 109 9.32 -6.61 -14.42
CA LEU B 109 9.01 -7.90 -15.04
C LEU B 109 7.57 -7.99 -15.49
N MET B 110 6.66 -7.28 -14.82
CA MET B 110 5.24 -7.30 -15.16
C MET B 110 4.68 -5.93 -14.83
N PRO B 111 4.76 -4.99 -15.77
CA PRO B 111 4.32 -3.61 -15.49
C PRO B 111 2.90 -3.48 -14.98
N GLU B 112 1.97 -4.32 -15.43
CA GLU B 112 0.59 -4.17 -15.00
C GLU B 112 0.32 -4.82 -13.65
N LEU B 113 1.33 -5.45 -13.03
CA LEU B 113 1.16 -6.04 -11.72
C LEU B 113 1.55 -5.01 -10.68
N GLU B 114 0.56 -4.52 -9.94
CA GLU B 114 0.73 -3.39 -9.06
C GLU B 114 0.92 -3.89 -7.63
N SER B 115 1.97 -3.42 -6.97
CA SER B 115 2.25 -3.78 -5.58
C SER B 115 1.51 -2.81 -4.65
N VAL B 116 0.81 -3.36 -3.67
CA VAL B 116 0.11 -2.54 -2.69
C VAL B 116 0.48 -3.03 -1.30
N PHE B 117 0.67 -2.09 -0.39
CA PHE B 117 1.18 -2.39 0.93
C PHE B 117 0.10 -2.11 1.96
N LEU B 118 -0.19 -3.12 2.76
CA LEU B 118 -1.12 -3.00 3.86
C LEU B 118 -0.31 -2.93 5.14
N MET B 119 -0.92 -2.35 6.15
CA MET B 119 -0.25 -2.16 7.42
C MET B 119 -0.95 -3.03 8.45
N PRO B 120 -0.23 -3.87 9.18
CA PRO B 120 -0.90 -4.79 10.11
C PRO B 120 -1.35 -4.00 11.33
N SER B 121 -2.15 -4.65 12.16
CA SER B 121 -2.54 -4.05 13.43
C SER B 121 -1.31 -3.89 14.34
N LYS B 122 -1.41 -2.96 15.30
CA LYS B 122 -0.31 -2.77 16.25
C LYS B 122 0.02 -4.07 16.96
N GLU B 123 -1.00 -4.90 17.23
CA GLU B 123 -0.85 -6.20 17.88
C GLU B 123 0.28 -7.02 17.27
N TRP B 124 0.38 -7.03 15.93
CA TRP B 124 1.34 -7.82 15.17
C TRP B 124 2.44 -6.97 14.53
N SER B 125 2.59 -5.72 14.95
CA SER B 125 3.57 -4.84 14.31
C SER B 125 5.02 -5.14 14.71
N PHE B 126 5.25 -6.08 15.62
CA PHE B 126 6.61 -6.36 16.08
C PHE B 126 6.96 -7.83 16.06
N ILE B 127 6.17 -8.67 15.39
CA ILE B 127 6.48 -10.08 15.30
C ILE B 127 6.87 -10.42 13.87
N SER B 128 7.53 -11.55 13.73
CA SER B 128 7.92 -12.12 12.45
C SER B 128 7.92 -13.63 12.63
N SER B 129 7.88 -14.34 11.50
CA SER B 129 8.04 -15.80 11.57
C SER B 129 9.33 -16.14 12.30
N SER B 130 10.42 -15.45 11.96
CA SER B 130 11.73 -15.71 12.56
C SER B 130 11.69 -15.54 14.07
N LEU B 131 11.11 -14.44 14.54
CA LEU B 131 11.11 -14.13 15.97
C LEU B 131 10.32 -15.17 16.76
N VAL B 132 9.13 -15.51 16.27
CA VAL B 132 8.31 -16.51 16.93
C VAL B 132 9.04 -17.84 17.02
N LYS B 133 9.72 -18.24 15.92
CA LYS B 133 10.44 -19.51 15.93
C LYS B 133 11.55 -19.53 16.96
N GLU B 134 12.32 -18.44 17.06
CA GLU B 134 13.40 -18.39 18.04
C GLU B 134 12.86 -18.49 19.46
N VAL B 135 11.74 -17.81 19.73
CA VAL B 135 11.10 -17.88 21.04
C VAL B 135 10.64 -19.30 21.34
N ALA B 136 10.11 -19.98 20.33
CA ALA B 136 9.63 -21.34 20.53
C ALA B 136 10.78 -22.33 20.71
N ARG B 137 11.96 -22.05 20.17
CA ARG B 137 13.11 -22.92 20.37
C ARG B 137 13.55 -22.93 21.82
N HIS B 138 13.24 -21.88 22.56
CA HIS B 138 13.61 -21.80 23.97
C HIS B 138 12.38 -22.09 24.84
N GLN B 139 11.41 -22.82 24.28
CA GLN B 139 10.19 -23.24 24.97
C GLN B 139 9.37 -22.06 25.47
N GLY B 140 9.44 -20.92 24.79
CA GLY B 140 8.65 -19.78 25.18
C GLY B 140 7.26 -19.81 24.57
N ASP B 141 6.31 -19.18 25.29
CA ASP B 141 4.91 -19.18 24.91
C ASP B 141 4.68 -18.31 23.66
N VAL B 142 4.28 -18.94 22.55
CA VAL B 142 3.96 -18.26 21.30
C VAL B 142 2.50 -18.44 20.93
N THR B 143 1.68 -18.93 21.88
CA THR B 143 0.26 -19.12 21.71
C THR B 143 -0.42 -17.87 21.15
N HIS B 144 -0.04 -16.69 21.64
CA HIS B 144 -0.68 -15.45 21.24
C HIS B 144 -0.42 -15.05 19.79
N PHE B 145 0.64 -15.55 19.17
CA PHE B 145 1.08 -15.07 17.85
C PHE B 145 0.70 -15.98 16.69
N LEU B 146 0.10 -17.13 16.96
CA LEU B 146 -0.09 -18.12 15.91
C LEU B 146 -1.50 -18.64 15.91
N PRO B 147 -2.00 -19.07 14.75
CA PRO B 147 -3.22 -19.87 14.73
C PRO B 147 -2.98 -21.17 15.50
N GLU B 148 -4.05 -21.69 16.10
CA GLU B 148 -3.95 -22.88 16.94
C GLU B 148 -3.28 -24.03 16.21
N ASN B 149 -3.73 -24.33 14.98
CA ASN B 149 -3.13 -25.41 14.23
C ASN B 149 -1.65 -25.17 13.98
N VAL B 150 -1.24 -23.91 13.85
CA VAL B 150 0.15 -23.62 13.53
C VAL B 150 1.01 -23.70 14.79
N HIS B 151 0.48 -23.23 15.91
CA HIS B 151 1.19 -23.34 17.18
C HIS B 151 1.33 -24.80 17.58
N GLN B 152 0.27 -25.57 17.31
CA GLN B 152 0.26 -27.00 17.58
C GLN B 152 1.33 -27.70 16.77
N ALA B 153 1.46 -27.31 15.50
CA ALA B 153 2.43 -27.93 14.61
C ALA B 153 3.84 -27.46 14.87
N LEU B 154 4.01 -26.20 15.32
CA LEU B 154 5.34 -25.67 15.58
C LEU B 154 5.98 -26.35 16.77
N MET B 155 5.20 -26.61 17.83
CA MET B 155 5.72 -27.34 18.98
C MET B 155 6.13 -28.76 18.58
N ALA B 156 5.29 -29.43 17.79
CA ALA B 156 5.63 -30.78 17.36
C ALA B 156 6.95 -30.81 16.60
N LYS B 157 7.18 -29.82 15.74
CA LYS B 157 8.40 -29.80 14.95
C LYS B 157 9.63 -29.47 15.79
N LEU B 158 9.47 -28.74 16.90
CA LEU B 158 10.60 -28.42 17.76
C LEU B 158 10.84 -29.43 18.86
N ALA B 159 9.90 -30.36 19.09
CA ALA B 159 10.08 -31.39 20.11
C ALA B 159 11.38 -32.17 19.92
S DMS C . 4.42 10.51 -5.03
O DMS C . 3.52 11.62 -4.61
C1 DMS C . 6.05 11.18 -5.43
C2 DMS C . 4.83 9.47 -3.60
C TRS D . -5.58 14.33 8.67
C1 TRS D . -5.05 13.94 7.27
C2 TRS D . -6.48 15.55 8.53
C3 TRS D . -4.39 14.64 9.56
N TRS D . -6.36 13.24 9.29
O1 TRS D . -5.42 12.64 6.84
O2 TRS D . -7.25 15.43 7.35
O3 TRS D . -4.72 14.41 10.91
S SO4 E . 8.95 2.07 -12.38
O1 SO4 E . 10.09 2.94 -12.67
O2 SO4 E . 9.32 0.68 -12.64
O3 SO4 E . 8.60 2.21 -10.97
O4 SO4 E . 7.82 2.45 -13.20
P1 POP F . 3.68 15.82 -1.68
O1 POP F . 4.73 16.49 -0.84
O2 POP F . 4.14 15.84 -3.11
O3 POP F . 3.57 14.38 -1.25
O POP F . 2.28 16.60 -1.50
P2 POP F . 0.83 16.00 -1.04
O4 POP F . 0.69 14.53 -1.30
O5 POP F . 0.59 16.30 0.41
O6 POP F . -0.21 16.74 -1.83
S DMS G . 4.39 -10.09 3.99
O DMS G . 3.96 -9.83 5.43
C1 DMS G . 5.78 -9.02 3.53
C2 DMS G . 5.12 -11.75 3.86
K K H . 3.16 -8.34 8.30
C1 CW4 I . 13.69 -11.71 -4.89
C2 CW4 I . 13.83 -11.82 -6.28
C3 CW4 I . 12.84 -12.50 -7.02
C12 CW4 I . 8.55 -15.40 -4.72
C13 CW4 I . 10.96 -16.06 -4.80
C15 CW4 I . 9.11 -11.74 -5.22
C17 CW4 I . 7.51 -11.39 -3.75
C18 CW4 I . 8.29 -12.43 -3.36
C19 CW4 I . 8.01 -13.18 -2.09
C20 CW4 I . 8.75 -14.13 -1.50
C10 CW4 I . 10.36 -13.62 -4.36
C4 CW4 I . 12.58 -12.30 -4.27
C5 CW4 I . 11.60 -12.98 -5.01
C6 CW4 I . 11.74 -13.08 -6.40
C7 CW4 I . 10.67 -13.82 -7.17
C9 CW4 I . 9.97 -14.91 -5.14
N14 CW4 I . 9.25 -12.63 -4.28
N16 CW4 I . 8.13 -10.99 -4.99
O11 CW4 I . 10.50 -13.61 -8.36
O8 CW4 I . 9.88 -14.73 -6.58
S SO4 J . -4.84 -1.23 14.94
O1 SO4 J . -4.00 -0.70 13.87
O2 SO4 J . -4.01 -1.75 16.01
O3 SO4 J . -5.68 -0.16 15.45
O4 SO4 J . -5.68 -2.32 14.42
S SO4 K . 7.50 -12.47 8.24
O1 SO4 K . 8.36 -13.68 8.27
O2 SO4 K . 8.36 -11.27 8.42
O3 SO4 K . 6.78 -12.42 6.95
O4 SO4 K . 6.51 -12.53 9.33
S SO4 L . 9.19 -13.10 2.57
O1 SO4 L . 9.69 -13.18 1.17
O2 SO4 L . 10.04 -13.93 3.46
O3 SO4 L . 9.22 -11.66 2.97
O4 SO4 L . 7.79 -13.59 2.65
#